data_6K0M
#
_entry.id   6K0M
#
_cell.length_a   132.602
_cell.length_b   132.602
_cell.length_c   76.131
_cell.angle_alpha   90.000
_cell.angle_beta   90.000
_cell.angle_gamma   90.000
#
_symmetry.space_group_name_H-M   'P 43 21 2'
#
loop_
_entity.id
_entity.type
_entity.pdbx_description
1 polymer Alpha-1,3-glucanase
2 non-polymer 'SULFATE ION'
3 non-polymer 'CALCIUM ION'
4 non-polymer GLYCEROL
5 water water
#
_entity_poly.entity_id   1
_entity_poly.type   'polypeptide(L)'
_entity_poly.pdbx_seq_one_letter_code
;AGSVDTVSLYSGRGANMPFTIMEAESTSNATNGTKLTPNFKPGDYAGEASGRSSVYLDATGEYVEFTLTSPANAFVLRNA
VAENTTGTVSIYADGVSKGKFNVSSKFSYLYATPSTLGRLGYDNAPGAGLTAYWLYEDAQLMLDQVYPAGTKIKIQKDAG
DVSWIYVDLLETENVAPPQANPDPTKYVAVSASKSIDQALTEFRQDNTKKGIYIPAGEWTINSKIFLYGRATEIVGAGPW
YTKLVAPQSQSNTDVGFNISAAANGSTIRDLSAWGNYINRVDGPGKFIDGNGMQNVTVQNIWVEHFVCLYWGVNSSYNTF
KNNRIKNTFADGINMTNGSSYNVIDNNYARGTGDDSFALFSATDSGGSYNVGNKYTNLTATNVRRAAAFAVYGGSDNLFQ
NLYGADTLTYPGITISSYSFGYNTLGFGDQDTVIDGATLDRTGGDFWTSVGADDKINEYQNFGAIWIYGGDRAIKNILIK
NVDINNPVYFGLMFQSMSPNNMVMQNIRVENVNINNPSRYGIKLVVRAEQGQGPAYGGASFTNVKVNNPGISAIYGEAQS
PNFTVTRVSGNNW
;
_entity_poly.pdbx_strand_id   A
#
loop_
_chem_comp.id
_chem_comp.type
_chem_comp.name
_chem_comp.formula
CA non-polymer 'CALCIUM ION' 'Ca 2'
GOL non-polymer GLYCEROL 'C3 H8 O3'
SO4 non-polymer 'SULFATE ION' 'O4 S -2'
#
# COMPACT_ATOMS: atom_id res chain seq x y z
N GLY A 12 15.76 -4.92 4.28
CA GLY A 12 14.85 -6.05 4.34
C GLY A 12 14.82 -7.04 3.19
N ARG A 13 14.43 -6.61 1.99
CA ARG A 13 14.14 -5.21 1.71
C ARG A 13 12.80 -4.76 2.27
N GLY A 14 12.61 -3.45 2.30
CA GLY A 14 11.35 -2.89 2.76
C GLY A 14 11.38 -2.56 4.24
N ALA A 15 10.18 -2.39 4.77
CA ALA A 15 10.01 -1.99 6.17
C ALA A 15 10.40 -3.12 7.12
N ASN A 16 11.01 -2.73 8.24
CA ASN A 16 11.32 -3.65 9.34
C ASN A 16 10.17 -3.54 10.33
N MET A 17 9.26 -4.49 10.28
CA MET A 17 8.05 -4.53 11.09
CA MET A 17 8.09 -4.48 11.13
C MET A 17 8.14 -5.62 12.14
N PRO A 18 7.47 -5.47 13.29
CA PRO A 18 7.51 -6.53 14.31
C PRO A 18 6.69 -7.76 13.97
N PHE A 19 5.83 -7.68 12.96
CA PHE A 19 5.04 -8.84 12.57
C PHE A 19 5.71 -9.56 11.41
N THR A 20 5.52 -10.88 11.39
CA THR A 20 6.00 -11.75 10.34
C THR A 20 4.83 -12.10 9.43
N ILE A 21 5.06 -12.04 8.11
CA ILE A 21 4.03 -12.37 7.12
C ILE A 21 4.28 -13.80 6.65
N MET A 22 3.27 -14.66 6.80
CA MET A 22 3.41 -16.06 6.40
C MET A 22 2.31 -16.43 5.41
N GLU A 23 2.70 -16.92 4.23
CA GLU A 23 1.71 -17.28 3.21
C GLU A 23 1.08 -18.61 3.55
N ALA A 24 -0.24 -18.67 3.42
CA ALA A 24 -0.95 -19.90 3.74
C ALA A 24 -0.51 -21.04 2.83
N GLU A 25 -0.28 -20.75 1.56
CA GLU A 25 0.01 -21.75 0.55
C GLU A 25 1.43 -22.27 0.57
N SER A 26 2.26 -21.81 1.52
CA SER A 26 3.63 -22.30 1.60
C SER A 26 3.66 -23.82 1.65
N THR A 27 4.62 -24.41 0.92
CA THR A 27 4.81 -25.86 0.96
C THR A 27 5.24 -26.34 2.33
N SER A 28 5.63 -25.42 3.22
CA SER A 28 5.89 -25.74 4.62
C SER A 28 4.62 -25.98 5.43
N ASN A 29 3.44 -25.69 4.88
CA ASN A 29 2.20 -25.69 5.64
C ASN A 29 1.32 -26.87 5.25
N ALA A 30 1.13 -27.79 6.20
CA ALA A 30 0.22 -28.89 5.94
C ALA A 30 -1.20 -28.36 5.75
N THR A 31 -1.93 -28.98 4.82
CA THR A 31 -3.32 -28.60 4.62
C THR A 31 -4.06 -29.76 4.02
N ASN A 32 -5.34 -29.87 4.37
CA ASN A 32 -6.27 -30.74 3.67
C ASN A 32 -7.30 -29.94 2.89
N GLY A 33 -7.03 -28.65 2.65
CA GLY A 33 -7.87 -27.80 1.85
C GLY A 33 -7.34 -27.67 0.44
N THR A 34 -7.85 -26.68 -0.29
CA THR A 34 -7.62 -26.56 -1.72
C THR A 34 -6.69 -25.38 -2.00
N LYS A 35 -5.49 -25.67 -2.48
CA LYS A 35 -4.49 -24.64 -2.78
CA LYS A 35 -4.48 -24.65 -2.79
C LYS A 35 -4.71 -24.12 -4.19
N LEU A 36 -4.94 -22.81 -4.32
CA LEU A 36 -5.21 -22.21 -5.62
C LEU A 36 -3.95 -22.14 -6.47
N THR A 37 -4.06 -22.54 -7.73
CA THR A 37 -2.97 -22.26 -8.65
CA THR A 37 -3.00 -22.27 -8.68
C THR A 37 -2.94 -20.77 -8.98
N PRO A 38 -1.76 -20.19 -9.12
CA PRO A 38 -1.67 -18.73 -9.25
C PRO A 38 -2.10 -18.21 -10.62
N ASN A 39 -2.64 -16.99 -10.61
CA ASN A 39 -2.82 -16.20 -11.81
C ASN A 39 -2.67 -14.73 -11.42
N PHE A 40 -2.75 -13.85 -12.43
CA PHE A 40 -2.60 -12.42 -12.21
C PHE A 40 -3.92 -11.66 -12.42
N LYS A 41 -5.07 -12.32 -12.22
CA LYS A 41 -6.35 -11.72 -12.60
C LYS A 41 -6.95 -10.91 -11.46
N PRO A 42 -7.27 -9.63 -11.67
CA PRO A 42 -8.12 -8.94 -10.71
C PRO A 42 -9.51 -9.58 -10.69
N GLY A 43 -10.20 -9.46 -9.57
CA GLY A 43 -11.51 -10.07 -9.46
C GLY A 43 -11.48 -11.56 -9.26
N ASP A 44 -10.32 -12.11 -8.90
CA ASP A 44 -10.10 -13.55 -8.81
C ASP A 44 -9.47 -13.87 -7.46
N TYR A 45 -9.89 -14.97 -6.83
CA TYR A 45 -9.38 -15.27 -5.50
C TYR A 45 -7.90 -15.61 -5.50
N ALA A 46 -7.36 -16.12 -6.61
CA ALA A 46 -5.91 -16.27 -6.68
C ALA A 46 -5.24 -14.97 -7.10
N GLY A 47 -5.75 -14.35 -8.17
CA GLY A 47 -5.11 -13.16 -8.70
C GLY A 47 -4.99 -12.04 -7.67
N GLU A 48 -5.92 -11.97 -6.72
CA GLU A 48 -5.93 -10.91 -5.72
C GLU A 48 -5.26 -11.30 -4.42
N ALA A 49 -4.81 -12.54 -4.29
CA ALA A 49 -4.16 -13.00 -3.08
C ALA A 49 -2.70 -12.57 -3.03
N SER A 50 -2.19 -12.40 -1.81
CA SER A 50 -0.76 -12.27 -1.63
C SER A 50 -0.07 -13.54 -2.12
N GLY A 51 0.99 -13.37 -2.90
CA GLY A 51 1.61 -14.52 -3.54
C GLY A 51 0.81 -15.11 -4.68
N ARG A 52 -0.31 -14.49 -5.04
CA ARG A 52 -1.24 -14.97 -6.06
C ARG A 52 -1.79 -16.35 -5.73
N SER A 53 -1.87 -16.68 -4.44
CA SER A 53 -2.49 -17.94 -4.05
C SER A 53 -2.99 -17.86 -2.63
N SER A 54 -3.98 -18.71 -2.34
CA SER A 54 -4.49 -18.89 -1.00
CA SER A 54 -4.57 -18.87 -1.03
C SER A 54 -4.92 -20.33 -0.85
N VAL A 55 -5.27 -20.72 0.37
CA VAL A 55 -5.79 -22.06 0.63
C VAL A 55 -7.27 -21.93 0.98
N TYR A 56 -8.09 -22.61 0.20
CA TYR A 56 -9.54 -22.54 0.31
C TYR A 56 -10.02 -23.66 1.23
N LEU A 57 -10.69 -23.28 2.32
CA LEU A 57 -11.27 -24.23 3.27
C LEU A 57 -12.78 -24.26 3.07
N ASP A 58 -13.32 -25.46 2.80
CA ASP A 58 -14.69 -25.55 2.33
C ASP A 58 -15.44 -26.73 2.94
N ALA A 59 -14.88 -27.38 3.95
CA ALA A 59 -15.58 -28.45 4.64
C ALA A 59 -15.17 -28.42 6.09
N THR A 60 -16.09 -28.85 6.97
CA THR A 60 -15.75 -28.93 8.38
C THR A 60 -14.54 -29.82 8.57
N GLY A 61 -13.58 -29.33 9.36
CA GLY A 61 -12.35 -30.04 9.56
C GLY A 61 -11.22 -29.67 8.61
N GLU A 62 -11.49 -28.85 7.59
CA GLU A 62 -10.41 -28.44 6.72
C GLU A 62 -9.59 -27.34 7.38
N TYR A 63 -8.27 -27.40 7.20
CA TYR A 63 -7.36 -26.54 7.94
C TYR A 63 -6.17 -26.18 7.07
N VAL A 64 -5.45 -25.15 7.49
CA VAL A 64 -4.10 -24.90 7.03
C VAL A 64 -3.24 -24.67 8.27
N GLU A 65 -2.08 -25.32 8.32
CA GLU A 65 -1.25 -25.35 9.51
C GLU A 65 0.00 -24.52 9.28
N PHE A 66 0.13 -23.40 10.00
CA PHE A 66 1.33 -22.57 10.00
C PHE A 66 2.26 -23.00 11.13
N THR A 67 3.54 -22.65 10.97
CA THR A 67 4.54 -22.84 12.03
C THR A 67 5.19 -21.49 12.34
N LEU A 68 5.11 -21.07 13.59
CA LEU A 68 5.70 -19.78 13.94
C LEU A 68 7.21 -19.82 13.75
N THR A 69 7.74 -18.72 13.19
CA THR A 69 9.19 -18.53 13.09
C THR A 69 9.71 -17.48 14.05
N SER A 70 8.81 -16.85 14.81
CA SER A 70 9.11 -15.95 15.92
C SER A 70 7.96 -16.09 16.92
N PRO A 71 8.19 -15.72 18.17
CA PRO A 71 7.09 -15.80 19.16
C PRO A 71 5.95 -14.88 18.77
N ALA A 72 4.73 -15.25 19.17
CA ALA A 72 3.56 -14.46 18.83
C ALA A 72 2.44 -14.64 19.84
N ASN A 73 1.80 -13.53 20.21
CA ASN A 73 0.51 -13.55 20.90
C ASN A 73 -0.60 -12.94 20.07
N ALA A 74 -0.31 -12.46 18.86
CA ALA A 74 -1.31 -11.72 18.09
C ALA A 74 -1.18 -12.06 16.62
N PHE A 75 -2.31 -11.96 15.91
CA PHE A 75 -2.42 -12.54 14.57
C PHE A 75 -3.34 -11.69 13.70
N VAL A 76 -3.01 -11.60 12.42
CA VAL A 76 -3.93 -11.00 11.44
C VAL A 76 -4.11 -12.00 10.32
N LEU A 77 -5.36 -12.36 10.05
CA LEU A 77 -5.70 -13.34 9.03
C LEU A 77 -6.27 -12.62 7.81
N ARG A 78 -5.52 -12.59 6.70
CA ARG A 78 -6.07 -12.07 5.46
C ARG A 78 -6.84 -13.18 4.77
N ASN A 79 -8.11 -12.91 4.44
CA ASN A 79 -9.04 -13.96 4.08
C ASN A 79 -10.10 -13.40 3.14
N ALA A 80 -10.83 -14.30 2.49
CA ALA A 80 -12.01 -13.91 1.73
C ALA A 80 -13.15 -14.81 2.13
N VAL A 81 -14.32 -14.20 2.38
CA VAL A 81 -15.54 -14.92 2.69
C VAL A 81 -16.64 -14.40 1.76
N ALA A 82 -17.82 -15.02 1.84
CA ALA A 82 -18.92 -14.62 1.00
C ALA A 82 -19.26 -13.15 1.18
N GLU A 83 -19.67 -12.52 0.08
CA GLU A 83 -20.10 -11.13 0.14
C GLU A 83 -21.23 -10.94 1.14
N ASN A 84 -21.19 -9.81 1.85
CA ASN A 84 -22.21 -9.41 2.83
C ASN A 84 -22.43 -10.48 3.90
N THR A 85 -21.34 -10.97 4.48
CA THR A 85 -21.46 -11.94 5.57
C THR A 85 -20.43 -11.65 6.65
N THR A 86 -20.71 -12.20 7.83
CA THR A 86 -19.78 -12.22 8.95
CA THR A 86 -19.78 -12.22 8.95
C THR A 86 -19.86 -13.60 9.59
N GLY A 87 -18.78 -13.99 10.25
CA GLY A 87 -18.78 -15.27 10.92
C GLY A 87 -17.43 -15.50 11.56
N THR A 88 -17.10 -16.78 11.79
CA THR A 88 -15.86 -17.13 12.45
C THR A 88 -15.07 -18.16 11.66
N VAL A 89 -13.77 -18.22 11.97
CA VAL A 89 -12.93 -19.37 11.65
C VAL A 89 -12.05 -19.60 12.87
N SER A 90 -11.66 -20.85 13.11
CA SER A 90 -11.04 -21.21 14.38
C SER A 90 -9.52 -21.17 14.31
N ILE A 91 -8.89 -20.86 15.44
CA ILE A 91 -7.43 -20.88 15.57
C ILE A 91 -7.05 -21.90 16.66
N TYR A 92 -6.06 -22.72 16.35
CA TYR A 92 -5.52 -23.73 17.23
C TYR A 92 -4.04 -23.49 17.44
N ALA A 93 -3.56 -23.83 18.64
CA ALA A 93 -2.13 -23.81 18.95
C ALA A 93 -1.72 -25.20 19.39
N ASP A 94 -0.79 -25.81 18.65
CA ASP A 94 -0.35 -27.18 18.92
C ASP A 94 -1.53 -28.13 19.08
N GLY A 95 -2.53 -27.98 18.23
CA GLY A 95 -3.63 -28.91 18.19
C GLY A 95 -4.76 -28.61 19.15
N VAL A 96 -4.63 -27.58 19.99
CA VAL A 96 -5.64 -27.22 20.98
C VAL A 96 -6.34 -25.94 20.53
N SER A 97 -7.67 -25.94 20.55
CA SER A 97 -8.40 -24.76 20.09
C SER A 97 -8.18 -23.60 21.04
N LYS A 98 -7.99 -22.40 20.48
CA LYS A 98 -7.65 -21.23 21.26
C LYS A 98 -8.54 -20.03 21.00
N GLY A 99 -9.39 -20.05 19.99
CA GLY A 99 -10.31 -18.95 19.80
C GLY A 99 -10.86 -18.90 18.38
N LYS A 100 -11.46 -17.75 18.08
CA LYS A 100 -12.16 -17.52 16.81
C LYS A 100 -11.75 -16.19 16.24
N PHE A 101 -11.34 -16.18 14.97
CA PHE A 101 -11.27 -14.93 14.24
C PHE A 101 -12.68 -14.47 13.87
N ASN A 102 -12.90 -13.17 13.95
CA ASN A 102 -14.12 -12.52 13.48
C ASN A 102 -13.88 -12.13 12.02
N VAL A 103 -14.38 -12.94 11.09
CA VAL A 103 -14.14 -12.73 9.67
C VAL A 103 -15.37 -12.09 9.05
N SER A 104 -15.14 -11.19 8.09
CA SER A 104 -16.21 -10.35 7.57
C SER A 104 -15.85 -9.85 6.18
N SER A 105 -16.87 -9.71 5.33
CA SER A 105 -16.72 -8.99 4.08
C SER A 105 -17.35 -7.60 4.12
N LYS A 106 -17.52 -7.04 5.32
CA LYS A 106 -18.07 -5.69 5.45
C LYS A 106 -17.35 -4.67 4.56
N PHE A 107 -16.02 -4.79 4.44
CA PHE A 107 -15.21 -3.80 3.74
C PHE A 107 -14.68 -4.29 2.41
N SER A 108 -15.00 -5.52 1.99
CA SER A 108 -14.53 -6.07 0.73
C SER A 108 -15.69 -6.13 -0.27
N TYR A 109 -15.33 -6.54 -1.49
CA TYR A 109 -16.23 -6.65 -2.65
C TYR A 109 -16.64 -5.27 -3.17
N LEU A 110 -15.85 -4.77 -4.11
CA LEU A 110 -16.08 -3.49 -4.78
C LEU A 110 -16.37 -3.79 -6.25
N TYR A 111 -17.35 -3.09 -6.82
CA TYR A 111 -17.93 -3.53 -8.09
C TYR A 111 -17.58 -2.60 -9.24
N ALA A 112 -17.27 -3.21 -10.38
CA ALA A 112 -16.96 -2.51 -11.62
C ALA A 112 -17.18 -3.48 -12.77
N THR A 113 -16.66 -3.15 -13.95
CA THR A 113 -16.64 -4.06 -15.07
C THR A 113 -15.25 -4.04 -15.68
N PRO A 114 -14.90 -5.04 -16.49
CA PRO A 114 -13.55 -5.04 -17.07
C PRO A 114 -13.22 -3.80 -17.89
N SER A 115 -14.20 -3.11 -18.43
CA SER A 115 -13.96 -1.89 -19.20
C SER A 115 -14.16 -0.62 -18.39
N THR A 116 -14.42 -0.75 -17.08
CA THR A 116 -14.60 0.41 -16.21
C THR A 116 -13.78 0.27 -14.94
N LEU A 117 -12.55 -0.23 -15.06
CA LEU A 117 -11.69 -0.41 -13.90
C LEU A 117 -11.28 0.91 -13.27
N GLY A 118 -11.49 2.03 -13.95
CA GLY A 118 -11.34 3.32 -13.29
C GLY A 118 -12.30 3.51 -12.14
N ARG A 119 -13.35 2.71 -12.08
CA ARG A 119 -14.31 2.73 -11.00
C ARG A 119 -13.93 1.85 -9.83
N LEU A 120 -12.80 1.13 -9.91
CA LEU A 120 -12.38 0.27 -8.81
C LEU A 120 -12.29 1.07 -7.52
N GLY A 121 -13.00 0.60 -6.49
CA GLY A 121 -13.00 1.24 -5.19
C GLY A 121 -14.14 2.21 -4.95
N TYR A 122 -14.86 2.61 -6.00
CA TYR A 122 -15.87 3.64 -5.87
C TYR A 122 -17.28 3.11 -5.59
N ASP A 123 -17.59 1.84 -5.85
CA ASP A 123 -18.96 1.34 -5.74
CA ASP A 123 -18.96 1.35 -5.72
C ASP A 123 -18.97 0.01 -5.00
N ASN A 124 -19.55 -0.02 -3.80
CA ASN A 124 -19.56 -1.26 -3.02
C ASN A 124 -20.85 -2.05 -3.18
N ALA A 125 -21.74 -1.65 -4.10
CA ALA A 125 -23.02 -2.36 -4.19
C ALA A 125 -23.05 -3.27 -5.40
N PRO A 126 -23.46 -4.54 -5.23
CA PRO A 126 -23.71 -5.40 -6.38
C PRO A 126 -24.74 -4.77 -7.31
N GLY A 127 -24.69 -5.17 -8.57
CA GLY A 127 -25.60 -4.62 -9.55
C GLY A 127 -25.54 -5.39 -10.83
N ALA A 128 -26.55 -5.16 -11.67
CA ALA A 128 -26.64 -5.84 -12.96
C ALA A 128 -25.40 -5.56 -13.80
N GLY A 129 -24.80 -6.63 -14.30
CA GLY A 129 -23.63 -6.53 -15.15
C GLY A 129 -22.33 -6.21 -14.45
N LEU A 130 -22.34 -6.07 -13.13
CA LEU A 130 -21.13 -5.71 -12.39
C LEU A 130 -20.40 -6.94 -11.87
N THR A 131 -19.07 -6.86 -11.87
CA THR A 131 -18.17 -7.88 -11.37
C THR A 131 -17.56 -7.42 -10.04
N ALA A 132 -17.36 -8.37 -9.12
CA ALA A 132 -16.76 -8.06 -7.83
C ALA A 132 -15.24 -8.10 -7.89
N TYR A 133 -14.62 -7.11 -7.26
CA TYR A 133 -13.17 -7.01 -7.12
C TYR A 133 -12.87 -6.71 -5.66
N TRP A 134 -11.58 -6.67 -5.31
CA TRP A 134 -11.14 -6.31 -3.95
C TRP A 134 -11.80 -7.26 -2.93
N LEU A 135 -11.49 -8.54 -3.09
CA LEU A 135 -12.22 -9.63 -2.45
C LEU A 135 -11.73 -9.96 -1.05
N TYR A 136 -10.50 -9.60 -0.73
CA TYR A 136 -9.88 -10.00 0.54
C TYR A 136 -10.06 -8.92 1.60
N GLU A 137 -10.09 -9.36 2.86
CA GLU A 137 -10.07 -8.45 4.00
C GLU A 137 -9.40 -9.16 5.16
N ASP A 138 -9.32 -8.48 6.31
CA ASP A 138 -8.49 -8.93 7.41
C ASP A 138 -9.29 -9.13 8.69
N ALA A 139 -8.85 -10.10 9.50
CA ALA A 139 -9.36 -10.29 10.85
C ALA A 139 -8.20 -10.25 11.82
N GLN A 140 -8.36 -9.51 12.91
CA GLN A 140 -7.31 -9.31 13.91
C GLN A 140 -7.68 -10.05 15.19
N LEU A 141 -6.70 -10.71 15.81
CA LEU A 141 -6.98 -11.49 17.01
C LEU A 141 -5.75 -11.58 17.89
N MET A 142 -5.91 -11.20 19.16
CA MET A 142 -4.87 -11.37 20.17
C MET A 142 -5.26 -12.50 21.11
N LEU A 143 -4.31 -13.38 21.40
CA LEU A 143 -4.50 -14.49 22.32
C LEU A 143 -3.85 -14.17 23.67
N ASP A 144 -4.31 -14.86 24.71
CA ASP A 144 -3.86 -14.58 26.07
C ASP A 144 -2.57 -15.30 26.44
N GLN A 145 -1.75 -15.68 25.46
CA GLN A 145 -0.47 -16.31 25.72
C GLN A 145 0.48 -15.98 24.58
N VAL A 146 1.77 -15.81 24.91
CA VAL A 146 2.82 -15.71 23.90
C VAL A 146 3.27 -17.13 23.56
N TYR A 147 3.06 -17.54 22.30
CA TYR A 147 3.47 -18.86 21.83
C TYR A 147 4.87 -18.80 21.20
N PRO A 148 5.75 -19.76 21.48
CA PRO A 148 7.12 -19.69 20.98
C PRO A 148 7.21 -20.02 19.50
N ALA A 149 8.34 -19.58 18.91
CA ALA A 149 8.66 -20.04 17.57
C ALA A 149 8.64 -21.56 17.55
N GLY A 150 8.17 -22.13 16.44
CA GLY A 150 7.96 -23.55 16.33
C GLY A 150 6.55 -24.02 16.68
N THR A 151 5.74 -23.18 17.32
CA THR A 151 4.35 -23.54 17.58
C THR A 151 3.62 -23.75 16.28
N LYS A 152 2.77 -24.79 16.23
CA LYS A 152 1.87 -25.00 15.12
CA LYS A 152 1.85 -25.00 15.12
C LYS A 152 0.61 -24.15 15.35
N ILE A 153 0.38 -23.17 14.48
CA ILE A 153 -0.81 -22.33 14.54
C ILE A 153 -1.67 -22.76 13.36
N LYS A 154 -2.78 -23.42 13.67
CA LYS A 154 -3.66 -23.98 12.65
C LYS A 154 -4.90 -23.11 12.51
N ILE A 155 -5.25 -22.76 11.28
CA ILE A 155 -6.52 -22.12 10.96
C ILE A 155 -7.44 -23.22 10.47
N GLN A 156 -8.58 -23.41 11.16
CA GLN A 156 -9.41 -24.58 10.89
C GLN A 156 -10.88 -24.18 10.87
N LYS A 157 -11.62 -24.75 9.91
CA LYS A 157 -13.06 -24.50 9.77
C LYS A 157 -13.80 -25.56 10.57
N ASP A 158 -14.33 -25.18 11.74
CA ASP A 158 -15.05 -26.09 12.61
C ASP A 158 -16.55 -25.90 12.45
N ALA A 159 -17.33 -26.80 13.06
CA ALA A 159 -18.78 -26.64 13.03
C ALA A 159 -19.14 -25.26 13.57
N GLY A 160 -20.04 -24.57 12.88
CA GLY A 160 -20.43 -23.24 13.29
C GLY A 160 -19.59 -22.11 12.72
N ASP A 161 -18.44 -22.42 12.13
CA ASP A 161 -17.65 -21.43 11.43
C ASP A 161 -18.28 -21.15 10.06
N VAL A 162 -17.68 -20.21 9.31
CA VAL A 162 -18.26 -19.83 8.01
C VAL A 162 -18.29 -21.02 7.07
N SER A 163 -19.22 -20.95 6.09
CA SER A 163 -19.38 -22.05 5.15
CA SER A 163 -19.38 -22.06 5.16
CA SER A 163 -19.38 -22.05 5.15
C SER A 163 -18.13 -22.30 4.32
N TRP A 164 -17.40 -21.24 3.99
CA TRP A 164 -16.15 -21.38 3.24
C TRP A 164 -15.32 -20.13 3.48
N ILE A 165 -14.02 -20.26 3.29
CA ILE A 165 -13.10 -19.15 3.51
C ILE A 165 -11.82 -19.41 2.74
N TYR A 166 -11.31 -18.36 2.10
CA TYR A 166 -9.98 -18.40 1.50
C TYR A 166 -9.00 -17.84 2.52
N VAL A 167 -7.97 -18.61 2.83
CA VAL A 167 -6.93 -18.18 3.77
C VAL A 167 -5.71 -17.77 2.95
N ASP A 168 -5.37 -16.48 2.99
CA ASP A 168 -4.33 -15.95 2.12
C ASP A 168 -2.98 -15.89 2.82
N LEU A 169 -2.93 -15.21 3.97
CA LEU A 169 -1.71 -15.10 4.74
C LEU A 169 -2.08 -14.91 6.20
N LEU A 170 -1.08 -15.07 7.05
CA LEU A 170 -1.20 -14.83 8.49
C LEU A 170 -0.07 -13.90 8.90
N GLU A 171 -0.41 -12.76 9.51
CA GLU A 171 0.58 -12.00 10.27
C GLU A 171 0.71 -12.61 11.65
N THR A 172 1.95 -12.72 12.15
CA THR A 172 2.16 -13.10 13.54
C THR A 172 3.02 -12.04 14.22
N GLU A 173 2.73 -11.76 15.49
CA GLU A 173 3.39 -10.66 16.17
C GLU A 173 3.41 -10.94 17.67
N ASN A 174 4.52 -10.56 18.32
CA ASN A 174 4.62 -10.60 19.77
C ASN A 174 4.43 -9.17 20.26
N VAL A 175 3.24 -8.87 20.74
CA VAL A 175 2.87 -7.52 21.14
C VAL A 175 3.16 -7.34 22.63
N ALA A 176 3.94 -6.31 22.95
CA ALA A 176 4.24 -5.98 24.33
C ALA A 176 2.95 -5.56 25.05
N PRO A 177 2.93 -5.65 26.38
CA PRO A 177 1.78 -5.14 27.13
C PRO A 177 1.56 -3.68 26.84
N PRO A 178 0.34 -3.18 27.02
CA PRO A 178 0.05 -1.77 26.69
C PRO A 178 0.87 -0.82 27.53
N GLN A 179 1.19 0.33 26.93
CA GLN A 179 1.95 1.38 27.61
CA GLN A 179 1.95 1.35 27.63
C GLN A 179 1.00 2.34 28.29
N ALA A 180 1.29 2.67 29.55
CA ALA A 180 0.45 3.55 30.35
C ALA A 180 0.70 5.01 29.99
N ASN A 181 -0.15 5.88 30.54
CA ASN A 181 0.09 7.32 30.43
C ASN A 181 1.53 7.63 30.85
N PRO A 182 2.35 8.24 29.99
CA PRO A 182 3.74 8.52 30.38
C PRO A 182 3.83 9.41 31.61
N ASP A 183 2.89 10.31 31.81
CA ASP A 183 2.85 11.17 32.98
C ASP A 183 1.51 11.88 33.03
N PRO A 184 0.61 11.45 33.94
CA PRO A 184 -0.73 12.04 34.00
C PRO A 184 -0.74 13.52 34.34
N THR A 185 0.35 14.08 34.89
CA THR A 185 0.39 15.53 35.10
C THR A 185 0.77 16.29 33.84
N LYS A 186 1.19 15.60 32.78
CA LYS A 186 1.59 16.25 31.53
C LYS A 186 0.73 15.83 30.35
N TYR A 187 0.10 14.67 30.41
CA TYR A 187 -0.77 14.18 29.35
C TYR A 187 -2.16 14.01 29.93
N VAL A 188 -3.10 14.84 29.46
CA VAL A 188 -4.48 14.75 29.91
C VAL A 188 -5.08 13.46 29.36
N ALA A 189 -5.60 12.62 30.25
CA ALA A 189 -6.12 11.32 29.82
C ALA A 189 -7.55 11.43 29.30
N VAL A 190 -7.77 10.91 28.09
CA VAL A 190 -9.11 10.54 27.67
C VAL A 190 -9.62 9.44 28.59
N SER A 191 -10.91 9.46 28.88
CA SER A 191 -11.51 8.49 29.79
C SER A 191 -12.93 8.21 29.35
N ALA A 192 -13.57 7.26 30.06
CA ALA A 192 -14.96 6.94 29.75
C ALA A 192 -15.86 8.17 29.83
N SER A 193 -15.49 9.18 30.59
CA SER A 193 -16.31 10.38 30.75
C SER A 193 -15.60 11.67 30.33
N LYS A 194 -14.42 11.57 29.72
CA LYS A 194 -13.73 12.74 29.19
C LYS A 194 -13.34 12.43 27.74
N SER A 195 -13.96 13.14 26.81
CA SER A 195 -13.74 12.88 25.39
C SER A 195 -12.37 13.37 24.94
N ILE A 196 -11.98 12.92 23.75
CA ILE A 196 -10.76 13.42 23.11
C ILE A 196 -10.80 14.95 23.00
N ASP A 197 -11.93 15.50 22.53
CA ASP A 197 -12.02 16.96 22.41
C ASP A 197 -11.91 17.63 23.77
N GLN A 198 -12.53 17.05 24.81
CA GLN A 198 -12.45 17.67 26.14
C GLN A 198 -11.03 17.62 26.69
N ALA A 199 -10.33 16.51 26.47
CA ALA A 199 -8.95 16.42 26.91
C ALA A 199 -8.06 17.42 26.19
N LEU A 200 -8.29 17.62 24.89
CA LEU A 200 -7.52 18.62 24.15
C LEU A 200 -7.81 20.03 24.64
N THR A 201 -9.07 20.32 25.00
CA THR A 201 -9.37 21.65 25.54
C THR A 201 -8.61 21.89 26.84
N GLU A 202 -8.57 20.89 27.72
CA GLU A 202 -7.80 21.01 28.95
CA GLU A 202 -7.81 21.04 28.95
C GLU A 202 -6.32 21.22 28.65
N PHE A 203 -5.80 20.48 27.67
CA PHE A 203 -4.42 20.67 27.25
C PHE A 203 -4.17 22.10 26.75
N ARG A 204 -5.03 22.60 25.86
CA ARG A 204 -4.77 23.90 25.26
C ARG A 204 -4.73 24.98 26.33
N GLN A 205 -5.59 24.86 27.34
CA GLN A 205 -5.74 25.90 28.35
C GLN A 205 -4.77 25.78 29.53
N ASP A 206 -3.90 24.77 29.54
CA ASP A 206 -2.94 24.59 30.63
C ASP A 206 -1.56 24.34 30.01
N ASN A 207 -0.70 25.35 30.09
CA ASN A 207 0.62 25.33 29.46
CA ASN A 207 0.60 25.27 29.41
C ASN A 207 1.55 24.29 30.06
N THR A 208 1.22 23.72 31.22
CA THR A 208 2.05 22.66 31.76
C THR A 208 1.82 21.33 31.06
N LYS A 209 0.79 21.22 30.21
CA LYS A 209 0.49 19.95 29.56
C LYS A 209 1.24 19.83 28.24
N LYS A 210 1.70 18.61 27.93
CA LYS A 210 2.33 18.30 26.65
C LYS A 210 1.35 17.77 25.63
N GLY A 211 0.22 17.23 26.07
CA GLY A 211 -0.73 16.69 25.12
C GLY A 211 -1.78 15.87 25.82
N ILE A 212 -2.23 14.84 25.13
CA ILE A 212 -3.25 13.94 25.68
C ILE A 212 -2.77 12.51 25.55
N TYR A 213 -3.32 11.66 26.42
CA TYR A 213 -3.10 10.22 26.40
C TYR A 213 -4.43 9.53 26.15
N ILE A 214 -4.44 8.60 25.20
CA ILE A 214 -5.66 7.87 24.87
C ILE A 214 -5.45 6.42 25.30
N PRO A 215 -6.13 5.95 26.34
CA PRO A 215 -5.84 4.62 26.88
C PRO A 215 -6.23 3.51 25.92
N ALA A 216 -5.82 2.30 26.31
CA ALA A 216 -6.34 1.10 25.65
C ALA A 216 -7.86 1.11 25.67
N GLY A 217 -8.45 0.64 24.57
CA GLY A 217 -9.90 0.62 24.47
C GLY A 217 -10.40 0.99 23.10
N GLU A 218 -11.72 1.04 22.95
CA GLU A 218 -12.36 1.55 21.74
C GLU A 218 -12.94 2.91 22.05
N TRP A 219 -12.60 3.89 21.21
CA TRP A 219 -13.02 5.27 21.43
C TRP A 219 -13.62 5.77 20.13
N THR A 220 -14.89 6.19 20.18
CA THR A 220 -15.53 6.71 18.98
C THR A 220 -14.82 7.97 18.51
N ILE A 221 -14.49 8.01 17.22
CA ILE A 221 -14.18 9.26 16.55
C ILE A 221 -15.28 9.49 15.53
N ASN A 222 -16.14 10.48 15.79
CA ASN A 222 -17.25 10.79 14.90
C ASN A 222 -17.10 12.17 14.30
N SER A 223 -15.88 12.71 14.32
CA SER A 223 -15.64 14.06 13.87
C SER A 223 -14.18 14.14 13.45
N LYS A 224 -13.87 15.23 12.76
CA LYS A 224 -12.48 15.61 12.55
CA LYS A 224 -12.48 15.63 12.54
C LYS A 224 -12.03 16.44 13.77
N ILE A 225 -11.00 15.96 14.43
CA ILE A 225 -10.53 16.54 15.68
C ILE A 225 -9.42 17.53 15.37
N PHE A 226 -9.67 18.81 15.66
CA PHE A 226 -8.75 19.87 15.28
C PHE A 226 -7.67 20.08 16.33
N LEU A 227 -6.42 20.14 15.88
CA LEU A 227 -5.29 20.43 16.73
C LEU A 227 -4.84 21.85 16.43
N TYR A 228 -4.78 22.68 17.47
CA TYR A 228 -4.41 24.09 17.34
C TYR A 228 -3.88 24.54 18.70
N GLY A 229 -3.66 25.84 18.83
CA GLY A 229 -3.06 26.37 20.03
C GLY A 229 -1.54 26.30 19.97
N ARG A 230 -1.01 25.08 20.03
CA ARG A 230 0.43 24.84 20.00
C ARG A 230 0.68 23.39 19.62
N ALA A 231 1.96 23.06 19.43
CA ALA A 231 2.34 21.68 19.13
C ALA A 231 1.80 20.75 20.21
N THR A 232 1.16 19.67 19.77
CA THR A 232 0.39 18.77 20.63
C THR A 232 0.94 17.36 20.50
N GLU A 233 1.09 16.66 21.62
CA GLU A 233 1.40 15.23 21.60
C GLU A 233 0.11 14.44 21.82
N ILE A 234 -0.16 13.48 20.94
CA ILE A 234 -1.28 12.56 21.10
C ILE A 234 -0.68 11.17 21.19
N VAL A 235 -0.81 10.54 22.36
CA VAL A 235 -0.08 9.32 22.67
C VAL A 235 -1.09 8.25 23.09
N GLY A 236 -1.07 7.10 22.41
CA GLY A 236 -1.85 5.96 22.80
C GLY A 236 -1.04 4.93 23.57
N ALA A 237 -1.68 3.77 23.78
CA ALA A 237 -1.08 2.66 24.52
C ALA A 237 -0.39 1.66 23.60
N GLY A 238 -0.41 1.90 22.30
CA GLY A 238 0.07 0.96 21.32
C GLY A 238 -1.05 0.64 20.34
N PRO A 239 -0.71 0.38 19.08
CA PRO A 239 -1.75 0.24 18.06
C PRO A 239 -2.66 -0.97 18.23
N TRP A 240 -2.20 -2.03 18.91
CA TRP A 240 -3.09 -3.15 19.20
C TRP A 240 -4.06 -2.84 20.33
N TYR A 241 -3.88 -1.72 21.03
CA TYR A 241 -4.61 -1.47 22.26
C TYR A 241 -5.51 -0.25 22.19
N THR A 242 -4.96 0.91 21.80
CA THR A 242 -5.76 2.13 21.65
C THR A 242 -6.39 2.12 20.26
N LYS A 243 -7.72 2.01 20.21
CA LYS A 243 -8.45 1.92 18.94
C LYS A 243 -9.39 3.11 18.82
N LEU A 244 -9.10 4.01 17.88
CA LEU A 244 -10.04 5.07 17.50
C LEU A 244 -10.96 4.49 16.44
N VAL A 245 -12.27 4.52 16.68
CA VAL A 245 -13.21 3.79 15.85
C VAL A 245 -14.26 4.73 15.27
N ALA A 246 -14.30 4.83 13.95
CA ALA A 246 -15.41 5.53 13.30
C ALA A 246 -16.70 4.74 13.55
N PRO A 247 -17.85 5.43 13.67
CA PRO A 247 -19.09 4.70 14.02
C PRO A 247 -19.37 3.61 13.00
N GLN A 248 -19.36 2.37 13.47
CA GLN A 248 -19.38 1.27 12.51
C GLN A 248 -20.77 0.98 11.95
N SER A 249 -21.83 1.58 12.51
CA SER A 249 -23.14 1.51 11.88
C SER A 249 -23.37 2.62 10.87
N GLN A 250 -22.42 3.52 10.69
CA GLN A 250 -22.42 4.51 9.63
C GLN A 250 -21.37 4.11 8.60
N SER A 251 -21.37 4.81 7.47
CA SER A 251 -20.37 4.55 6.44
CA SER A 251 -20.41 4.55 6.41
C SER A 251 -19.85 5.85 5.86
N ASN A 252 -18.58 5.84 5.52
CA ASN A 252 -17.92 6.95 4.83
C ASN A 252 -17.95 8.24 5.63
N THR A 253 -17.76 8.17 6.95
CA THR A 253 -17.74 9.38 7.76
C THR A 253 -16.31 9.90 7.85
N ASP A 254 -16.15 11.20 7.58
CA ASP A 254 -14.85 11.87 7.51
C ASP A 254 -14.41 12.23 8.93
N VAL A 255 -13.61 11.33 9.53
CA VAL A 255 -13.21 11.47 10.92
C VAL A 255 -11.70 11.28 11.04
N GLY A 256 -11.15 11.77 12.14
CA GLY A 256 -9.72 11.68 12.36
C GLY A 256 -9.20 12.98 12.94
N PHE A 257 -8.01 13.40 12.51
CA PHE A 257 -7.41 14.63 13.00
C PHE A 257 -7.19 15.61 11.86
N ASN A 258 -7.25 16.90 12.20
CA ASN A 258 -6.93 17.96 11.25
C ASN A 258 -6.02 18.94 11.99
N ILE A 259 -4.78 19.06 11.53
CA ILE A 259 -3.72 19.78 12.23
C ILE A 259 -3.60 21.18 11.63
N SER A 260 -4.07 22.19 12.36
CA SER A 260 -3.92 23.57 11.95
C SER A 260 -2.48 24.04 12.13
N ALA A 261 -2.15 25.17 11.49
CA ALA A 261 -0.76 25.63 11.48
C ALA A 261 -0.22 25.85 12.89
N ALA A 262 -1.07 26.31 13.80
CA ALA A 262 -0.61 26.55 15.17
C ALA A 262 -0.09 25.27 15.83
N ALA A 263 -0.52 24.11 15.34
CA ALA A 263 -0.11 22.82 15.89
C ALA A 263 0.96 22.15 15.03
N ASN A 264 1.61 22.90 14.14
CA ASN A 264 2.85 22.39 13.57
C ASN A 264 3.76 21.92 14.69
N GLY A 265 4.52 20.86 14.43
CA GLY A 265 5.38 20.30 15.44
C GLY A 265 4.73 19.26 16.33
N SER A 266 3.46 18.91 16.08
CA SER A 266 2.75 17.91 16.84
C SER A 266 3.28 16.50 16.57
N THR A 267 2.88 15.57 17.44
CA THR A 267 3.21 14.17 17.33
C THR A 267 1.94 13.37 17.60
N ILE A 268 1.64 12.42 16.72
CA ILE A 268 0.57 11.46 16.94
C ILE A 268 1.20 10.08 16.89
N ARG A 269 1.07 9.32 17.97
CA ARG A 269 1.78 8.03 18.00
C ARG A 269 1.06 6.97 18.81
N ASP A 270 1.37 5.72 18.45
CA ASP A 270 1.10 4.54 19.28
C ASP A 270 -0.40 4.26 19.43
N LEU A 271 -1.12 4.19 18.31
CA LEU A 271 -2.55 3.95 18.37
C LEU A 271 -3.02 3.42 17.03
N SER A 272 -4.27 2.95 16.96
CA SER A 272 -4.82 2.56 15.68
C SER A 272 -6.09 3.35 15.41
N ALA A 273 -6.46 3.41 14.14
CA ALA A 273 -7.69 4.09 13.74
C ALA A 273 -8.42 3.22 12.74
N TRP A 274 -9.68 2.96 13.02
CA TRP A 274 -10.49 2.00 12.29
C TRP A 274 -11.64 2.77 11.65
N GLY A 275 -11.48 3.10 10.37
CA GLY A 275 -12.46 3.91 9.67
C GLY A 275 -13.70 3.11 9.31
N ASN A 276 -14.66 3.81 8.69
CA ASN A 276 -15.87 3.14 8.23
C ASN A 276 -16.14 3.40 6.75
N TYR A 277 -15.10 3.76 5.98
CA TYR A 277 -15.29 3.91 4.55
C TYR A 277 -15.49 2.54 3.92
N ILE A 278 -16.49 2.44 3.05
CA ILE A 278 -16.71 1.26 2.22
CA ILE A 278 -16.70 1.26 2.23
C ILE A 278 -16.55 1.55 0.75
N ASN A 279 -16.24 2.80 0.39
CA ASN A 279 -15.89 3.13 -0.98
C ASN A 279 -15.09 4.42 -0.95
N ARG A 280 -14.44 4.69 -2.07
CA ARG A 280 -13.59 5.85 -2.22
C ARG A 280 -14.43 7.11 -2.39
N VAL A 281 -13.98 8.17 -1.74
CA VAL A 281 -14.48 9.52 -1.99
CA VAL A 281 -14.49 9.52 -1.94
C VAL A 281 -13.27 10.42 -2.13
N ASP A 282 -13.41 11.47 -2.93
CA ASP A 282 -12.27 12.31 -3.29
C ASP A 282 -12.39 13.67 -2.62
N GLY A 283 -11.55 13.88 -1.61
CA GLY A 283 -11.60 15.08 -0.81
C GLY A 283 -11.59 14.71 0.65
N PRO A 284 -12.74 14.30 1.17
CA PRO A 284 -12.79 13.78 2.54
C PRO A 284 -12.16 12.41 2.62
N GLY A 285 -11.91 11.97 3.83
CA GLY A 285 -11.54 10.58 4.04
C GLY A 285 -10.08 10.32 4.34
N LYS A 286 -9.27 11.35 4.53
CA LYS A 286 -7.91 11.14 5.00
C LYS A 286 -7.91 11.15 6.52
N PHE A 287 -7.29 10.12 7.13
CA PHE A 287 -7.31 10.04 8.59
C PHE A 287 -6.70 11.29 9.21
N ILE A 288 -5.60 11.79 8.64
CA ILE A 288 -4.98 13.03 9.11
C ILE A 288 -5.05 14.04 7.95
N ASP A 289 -5.66 15.19 8.21
CA ASP A 289 -5.54 16.37 7.37
C ASP A 289 -4.47 17.28 7.97
N GLY A 290 -3.68 17.91 7.12
CA GLY A 290 -2.72 18.86 7.62
C GLY A 290 -2.11 19.62 6.47
N ASN A 291 -2.91 20.43 5.78
CA ASN A 291 -2.40 21.11 4.61
C ASN A 291 -1.35 22.13 5.01
N GLY A 292 -0.20 22.05 4.36
CA GLY A 292 0.91 22.92 4.70
C GLY A 292 1.60 22.59 6.01
N MET A 293 1.29 21.46 6.63
CA MET A 293 1.85 21.21 7.96
C MET A 293 3.37 21.04 7.91
N GLN A 294 4.01 21.41 9.01
CA GLN A 294 5.46 21.36 9.14
C GLN A 294 5.83 20.66 10.45
N ASN A 295 6.91 19.88 10.40
CA ASN A 295 7.56 19.33 11.60
C ASN A 295 6.65 18.41 12.41
N VAL A 296 5.65 17.79 11.75
CA VAL A 296 4.73 16.87 12.40
C VAL A 296 5.27 15.45 12.32
N THR A 297 5.15 14.70 13.41
CA THR A 297 5.56 13.30 13.44
C THR A 297 4.35 12.42 13.64
N VAL A 298 4.19 11.42 12.76
CA VAL A 298 3.15 10.41 12.85
C VAL A 298 3.86 9.07 12.92
N GLN A 299 3.75 8.40 14.07
CA GLN A 299 4.66 7.27 14.35
C GLN A 299 3.92 6.11 14.99
N ASN A 300 4.16 4.91 14.49
CA ASN A 300 3.61 3.68 15.08
C ASN A 300 2.08 3.78 15.20
N ILE A 301 1.43 4.24 14.13
CA ILE A 301 -0.02 4.13 14.10
C ILE A 301 -0.42 3.15 13.00
N TRP A 302 -1.58 2.54 13.19
CA TRP A 302 -2.12 1.51 12.32
C TRP A 302 -3.49 2.00 11.89
N VAL A 303 -3.69 2.24 10.59
CA VAL A 303 -4.93 2.83 10.10
CA VAL A 303 -4.91 2.85 10.08
C VAL A 303 -5.51 1.95 9.00
N GLU A 304 -6.83 1.78 9.03
CA GLU A 304 -7.54 1.00 8.02
C GLU A 304 -8.87 1.66 7.67
N HIS A 305 -9.32 1.42 6.43
CA HIS A 305 -10.69 1.77 6.00
C HIS A 305 -10.93 3.27 6.06
N PHE A 306 -9.89 4.02 5.72
CA PHE A 306 -9.97 5.41 5.31
C PHE A 306 -9.67 5.47 3.82
N VAL A 307 -9.85 6.66 3.24
CA VAL A 307 -9.42 6.82 1.86
C VAL A 307 -7.90 6.86 1.80
N CYS A 308 -7.27 7.65 2.69
CA CYS A 308 -5.81 7.73 2.79
C CYS A 308 -5.42 7.87 4.26
N LEU A 309 -4.15 7.58 4.55
CA LEU A 309 -3.60 8.06 5.82
C LEU A 309 -3.38 9.56 5.75
N TYR A 310 -2.68 10.03 4.70
CA TYR A 310 -2.30 11.43 4.62
C TYR A 310 -2.04 11.80 3.16
N TRP A 311 -2.49 13.00 2.78
CA TRP A 311 -2.31 13.55 1.43
C TRP A 311 -1.80 14.98 1.63
N GLY A 312 -0.48 15.13 1.59
CA GLY A 312 0.13 16.43 1.92
C GLY A 312 0.03 17.40 0.76
N VAL A 313 -0.16 18.68 1.10
CA VAL A 313 -0.17 19.78 0.14
C VAL A 313 0.79 20.84 0.67
N ASN A 314 1.94 20.99 0.02
CA ASN A 314 2.99 21.91 0.48
C ASN A 314 3.30 21.67 1.96
N SER A 315 3.44 20.40 2.31
CA SER A 315 3.70 19.95 3.67
C SER A 315 5.16 19.49 3.74
N SER A 316 5.93 20.05 4.66
CA SER A 316 7.37 19.87 4.64
C SER A 316 7.92 19.55 6.02
N TYR A 317 9.07 18.88 6.04
CA TYR A 317 9.82 18.58 7.26
C TYR A 317 9.03 17.69 8.21
N ASN A 318 8.16 16.85 7.66
CA ASN A 318 7.37 15.93 8.47
C ASN A 318 7.99 14.55 8.48
N THR A 319 7.60 13.75 9.46
CA THR A 319 8.12 12.39 9.63
C THR A 319 6.95 11.43 9.79
N PHE A 320 6.87 10.45 8.89
CA PHE A 320 5.90 9.35 9.01
C PHE A 320 6.76 8.09 9.17
N LYS A 321 6.70 7.47 10.35
CA LYS A 321 7.64 6.39 10.67
C LYS A 321 6.91 5.26 11.40
N ASN A 322 7.25 4.02 11.02
CA ASN A 322 6.79 2.80 11.73
C ASN A 322 5.28 2.61 11.65
N ASN A 323 4.63 3.14 10.62
CA ASN A 323 3.18 3.06 10.51
C ASN A 323 2.76 1.85 9.67
N ARG A 324 1.52 1.42 9.88
CA ARG A 324 0.87 0.35 9.12
C ARG A 324 -0.36 0.95 8.47
N ILE A 325 -0.44 0.85 7.15
CA ILE A 325 -1.55 1.42 6.39
C ILE A 325 -2.18 0.28 5.61
N LYS A 326 -3.39 -0.13 5.99
CA LYS A 326 -3.95 -1.32 5.35
C LYS A 326 -5.39 -1.08 4.92
N ASN A 327 -5.73 -1.60 3.74
CA ASN A 327 -7.11 -1.70 3.28
C ASN A 327 -7.77 -0.31 3.23
N THR A 328 -7.16 0.56 2.44
CA THR A 328 -7.65 1.91 2.21
C THR A 328 -8.26 2.00 0.81
N PHE A 329 -8.95 3.10 0.55
CA PHE A 329 -9.67 3.20 -0.70
C PHE A 329 -8.97 4.08 -1.73
N ALA A 330 -7.92 4.80 -1.33
CA ALA A 330 -7.01 5.42 -2.30
C ALA A 330 -5.58 5.33 -1.77
N ASP A 331 -4.75 6.35 -2.01
CA ASP A 331 -3.33 6.28 -1.65
C ASP A 331 -3.13 6.03 -0.16
N GLY A 332 -1.98 5.44 0.18
CA GLY A 332 -1.60 5.37 1.58
C GLY A 332 -1.09 6.71 2.08
N ILE A 333 0.07 7.12 1.57
CA ILE A 333 0.61 8.45 1.82
C ILE A 333 0.96 9.06 0.48
N ASN A 334 0.50 10.29 0.24
CA ASN A 334 0.90 11.07 -0.90
C ASN A 334 1.37 12.42 -0.38
N MET A 335 2.43 12.95 -0.99
CA MET A 335 2.97 14.26 -0.66
CA MET A 335 2.94 14.26 -0.65
C MET A 335 3.01 15.08 -1.94
N THR A 336 2.28 16.20 -1.96
CA THR A 336 2.06 16.92 -3.22
C THR A 336 2.39 18.39 -3.09
N ASN A 337 2.50 19.01 -4.27
CA ASN A 337 2.37 20.47 -4.42
C ASN A 337 3.32 21.23 -3.50
N GLY A 338 4.63 20.92 -3.62
CA GLY A 338 5.65 21.62 -2.90
C GLY A 338 6.19 20.89 -1.69
N SER A 339 5.58 19.77 -1.30
CA SER A 339 5.99 19.04 -0.11
C SER A 339 7.45 18.60 -0.19
N SER A 340 8.26 19.06 0.75
CA SER A 340 9.70 18.88 0.67
C SER A 340 10.29 18.45 2.00
N TYR A 341 11.45 17.79 1.93
CA TYR A 341 12.26 17.46 3.11
C TYR A 341 11.50 16.59 4.11
N ASN A 342 10.61 15.75 3.61
CA ASN A 342 9.86 14.84 4.47
C ASN A 342 10.61 13.52 4.62
N VAL A 343 10.39 12.88 5.76
CA VAL A 343 10.96 11.57 6.07
C VAL A 343 9.79 10.59 6.13
N ILE A 344 9.68 9.74 5.12
CA ILE A 344 8.68 8.69 5.05
C ILE A 344 9.45 7.38 5.21
N ASP A 345 9.54 6.88 6.44
CA ASP A 345 10.52 5.84 6.78
C ASP A 345 9.87 4.67 7.50
N ASN A 346 10.16 3.46 7.02
CA ASN A 346 9.82 2.24 7.73
C ASN A 346 8.31 2.13 7.96
N ASN A 347 7.56 2.29 6.88
CA ASN A 347 6.12 2.12 6.88
C ASN A 347 5.74 0.92 6.01
N TYR A 348 4.66 0.26 6.42
CA TYR A 348 4.15 -0.92 5.75
C TYR A 348 2.74 -0.63 5.25
N ALA A 349 2.50 -0.87 3.96
CA ALA A 349 1.17 -0.71 3.37
C ALA A 349 0.76 -2.01 2.72
N ARG A 350 -0.49 -2.41 2.93
CA ARG A 350 -1.07 -3.55 2.23
C ARG A 350 -2.51 -3.21 1.88
N GLY A 351 -2.91 -3.44 0.64
CA GLY A 351 -4.30 -3.20 0.28
C GLY A 351 -4.69 -1.74 0.10
N THR A 352 -3.78 -0.86 -0.29
CA THR A 352 -4.24 0.47 -0.63
C THR A 352 -5.10 0.44 -1.90
N GLY A 353 -5.87 1.50 -2.10
CA GLY A 353 -6.80 1.60 -3.20
C GLY A 353 -6.34 2.49 -4.33
N ASP A 354 -5.12 3.04 -4.22
CA ASP A 354 -4.41 3.78 -5.26
C ASP A 354 -2.95 3.73 -4.85
N ASP A 355 -2.09 4.51 -5.51
CA ASP A 355 -0.65 4.48 -5.26
C ASP A 355 -0.37 4.39 -3.76
N SER A 356 0.39 3.37 -3.34
CA SER A 356 0.52 3.17 -1.89
C SER A 356 1.33 4.29 -1.25
N PHE A 357 2.51 4.57 -1.80
CA PHE A 357 3.35 5.69 -1.40
C PHE A 357 3.62 6.52 -2.65
N ALA A 358 3.26 7.80 -2.61
CA ALA A 358 3.36 8.62 -3.82
C ALA A 358 3.96 9.98 -3.49
N LEU A 359 4.55 10.58 -4.52
CA LEU A 359 5.08 11.93 -4.46
C LEU A 359 4.65 12.63 -5.74
N PHE A 360 3.84 13.69 -5.64
CA PHE A 360 3.37 14.40 -6.81
C PHE A 360 3.88 15.83 -6.77
N SER A 361 4.79 16.16 -7.68
CA SER A 361 5.42 17.46 -7.69
C SER A 361 4.65 18.42 -8.58
N ALA A 362 4.35 19.60 -8.05
CA ALA A 362 3.67 20.66 -8.80
C ALA A 362 4.07 21.99 -8.17
N THR A 363 3.91 23.06 -8.93
CA THR A 363 4.24 24.38 -8.46
C THR A 363 3.23 24.85 -7.41
N GLY A 367 6.79 28.10 -5.15
CA GLY A 367 7.66 26.94 -5.17
C GLY A 367 7.58 26.17 -6.46
N SER A 368 8.68 25.51 -6.82
CA SER A 368 8.78 24.83 -8.12
C SER A 368 8.60 23.31 -8.00
N TYR A 369 9.41 22.65 -7.18
CA TYR A 369 9.44 21.20 -7.13
C TYR A 369 9.29 20.71 -5.69
N ASN A 370 8.72 19.51 -5.54
CA ASN A 370 8.94 18.75 -4.31
C ASN A 370 10.39 18.29 -4.29
N VAL A 371 11.13 18.64 -3.23
CA VAL A 371 12.57 18.33 -3.18
C VAL A 371 12.95 17.75 -1.82
N GLY A 372 14.05 17.00 -1.81
CA GLY A 372 14.69 16.60 -0.58
C GLY A 372 13.95 15.56 0.25
N ASN A 373 12.95 14.90 -0.32
CA ASN A 373 12.20 13.89 0.39
C ASN A 373 12.96 12.56 0.40
N LYS A 374 12.75 11.79 1.47
CA LYS A 374 13.38 10.49 1.62
C LYS A 374 12.30 9.48 1.95
N TYR A 375 12.01 8.59 1.01
CA TYR A 375 11.05 7.50 1.18
C TYR A 375 11.89 6.24 1.33
N THR A 376 12.01 5.75 2.56
CA THR A 376 13.02 4.75 2.86
C THR A 376 12.41 3.60 3.65
N ASN A 377 12.91 2.39 3.37
CA ASN A 377 12.52 1.20 4.13
C ASN A 377 10.99 1.03 4.10
N LEU A 378 10.45 0.97 2.89
CA LEU A 378 9.00 0.96 2.70
C LEU A 378 8.57 -0.35 2.08
N THR A 379 7.45 -0.87 2.56
CA THR A 379 6.82 -2.05 1.97
C THR A 379 5.43 -1.68 1.50
N ALA A 380 5.09 -2.05 0.26
CA ALA A 380 3.74 -1.84 -0.25
C ALA A 380 3.32 -3.07 -1.03
N THR A 381 2.30 -3.78 -0.56
CA THR A 381 1.90 -5.04 -1.18
C THR A 381 0.39 -5.07 -1.38
N ASN A 382 -0.07 -6.00 -2.22
CA ASN A 382 -1.50 -6.13 -2.52
C ASN A 382 -2.10 -4.77 -2.87
N VAL A 383 -1.51 -4.10 -3.86
CA VAL A 383 -1.97 -2.78 -4.28
C VAL A 383 -3.21 -2.98 -5.14
N ARG A 384 -4.37 -2.53 -4.63
CA ARG A 384 -5.62 -2.93 -5.25
C ARG A 384 -5.96 -2.11 -6.49
N ARG A 385 -5.24 -1.02 -6.71
CA ARG A 385 -5.30 -0.24 -7.94
C ARG A 385 -4.08 0.66 -7.95
N ALA A 386 -3.49 0.87 -9.14
CA ALA A 386 -2.32 1.73 -9.34
C ALA A 386 -1.05 1.10 -8.75
N ALA A 387 -0.05 1.91 -8.39
CA ALA A 387 1.29 1.39 -8.18
C ALA A 387 1.63 1.26 -6.70
N ALA A 388 2.62 0.40 -6.41
CA ALA A 388 3.15 0.35 -5.05
C ALA A 388 3.84 1.66 -4.69
N PHE A 389 4.66 2.18 -5.60
CA PHE A 389 5.39 3.42 -5.40
C PHE A 389 5.24 4.26 -6.66
N ALA A 390 5.01 5.56 -6.49
CA ALA A 390 4.80 6.42 -7.65
C ALA A 390 5.43 7.78 -7.43
N VAL A 391 6.24 8.22 -8.39
CA VAL A 391 6.85 9.54 -8.29
C VAL A 391 6.53 10.30 -9.57
N TYR A 392 5.88 11.44 -9.42
CA TYR A 392 5.42 12.26 -10.53
C TYR A 392 6.22 13.55 -10.49
N GLY A 393 7.29 13.61 -11.27
CA GLY A 393 8.13 14.78 -11.24
C GLY A 393 8.90 14.93 -9.94
N GLY A 394 9.48 16.11 -9.78
CA GLY A 394 10.22 16.45 -8.58
C GLY A 394 11.71 16.47 -8.85
N SER A 395 12.47 16.82 -7.80
CA SER A 395 13.91 16.90 -7.94
C SER A 395 14.55 16.56 -6.61
N ASP A 396 15.66 15.82 -6.64
CA ASP A 396 16.43 15.47 -5.44
C ASP A 396 15.57 14.73 -4.42
N ASN A 397 14.90 13.66 -4.88
CA ASN A 397 14.10 12.82 -4.00
C ASN A 397 14.63 11.39 -4.05
N LEU A 398 14.62 10.73 -2.89
CA LEU A 398 15.22 9.41 -2.73
C LEU A 398 14.16 8.40 -2.34
N PHE A 399 14.18 7.26 -3.02
CA PHE A 399 13.34 6.10 -2.70
C PHE A 399 14.29 4.94 -2.51
N GLN A 400 14.43 4.46 -1.27
CA GLN A 400 15.53 3.56 -0.92
C GLN A 400 15.05 2.41 -0.06
N ASN A 401 15.48 1.20 -0.40
CA ASN A 401 15.14 -0.04 0.30
C ASN A 401 13.62 -0.25 0.32
N LEU A 402 13.09 -0.55 -0.87
CA LEU A 402 11.67 -0.75 -1.08
C LEU A 402 11.37 -2.23 -1.29
N TYR A 403 10.20 -2.66 -0.82
CA TYR A 403 9.62 -3.95 -1.22
C TYR A 403 8.23 -3.68 -1.76
N GLY A 404 7.98 -4.07 -3.00
CA GLY A 404 6.64 -3.96 -3.57
C GLY A 404 6.22 -5.29 -4.16
N ALA A 405 4.93 -5.61 -4.01
CA ALA A 405 4.48 -6.90 -4.55
C ALA A 405 2.97 -6.92 -4.80
N ASP A 406 2.59 -7.73 -5.78
CA ASP A 406 1.21 -8.11 -6.04
C ASP A 406 0.32 -6.88 -6.30
N THR A 407 0.70 -6.15 -7.35
CA THR A 407 -0.13 -5.08 -7.89
C THR A 407 -1.23 -5.66 -8.77
N LEU A 408 -2.44 -5.11 -8.64
CA LEU A 408 -3.52 -5.62 -9.49
C LEU A 408 -3.51 -5.01 -10.90
N THR A 409 -3.21 -3.71 -11.05
CA THR A 409 -3.45 -3.04 -12.32
C THR A 409 -2.29 -2.22 -12.89
N TYR A 410 -1.14 -2.17 -12.22
CA TYR A 410 -0.23 -1.09 -12.60
C TYR A 410 1.19 -1.45 -12.12
N PRO A 411 2.20 -0.64 -12.37
CA PRO A 411 3.58 -1.03 -12.02
C PRO A 411 3.83 -1.17 -10.54
N GLY A 412 4.94 -1.85 -10.23
CA GLY A 412 5.52 -1.72 -8.90
C GLY A 412 5.99 -0.31 -8.61
N ILE A 413 6.65 0.32 -9.58
CA ILE A 413 7.11 1.71 -9.46
C ILE A 413 6.74 2.46 -10.73
N THR A 414 5.96 3.53 -10.57
CA THR A 414 5.67 4.46 -11.65
C THR A 414 6.59 5.67 -11.53
N ILE A 415 7.31 5.98 -12.61
CA ILE A 415 8.15 7.18 -12.69
C ILE A 415 7.63 7.97 -13.88
N SER A 416 6.92 9.08 -13.63
CA SER A 416 6.12 9.68 -14.70
C SER A 416 6.24 11.20 -14.70
N SER A 417 6.43 11.77 -15.89
CA SER A 417 6.42 13.22 -16.04
C SER A 417 5.11 13.73 -16.66
N TYR A 418 4.03 12.98 -16.53
CA TYR A 418 2.72 13.48 -16.96
C TYR A 418 2.16 14.50 -15.96
N SER A 419 1.58 15.57 -16.48
CA SER A 419 1.11 16.66 -15.62
C SER A 419 -0.27 16.41 -15.04
N PHE A 420 -1.04 15.48 -15.61
CA PHE A 420 -2.44 15.25 -15.23
C PHE A 420 -3.28 16.53 -15.31
N GLY A 421 -2.81 17.52 -16.08
CA GLY A 421 -3.52 18.77 -16.23
C GLY A 421 -3.15 19.85 -15.23
N TYR A 422 -2.26 19.56 -14.29
CA TYR A 422 -1.90 20.53 -13.27
C TYR A 422 -0.66 21.33 -13.70
N ASN A 423 -0.34 22.35 -12.91
CA ASN A 423 0.79 23.23 -13.18
C ASN A 423 2.04 22.58 -12.60
N THR A 424 2.80 21.89 -13.46
CA THR A 424 4.03 21.28 -12.99
CA THR A 424 3.99 21.15 -13.05
C THR A 424 5.08 21.36 -14.09
N LEU A 425 6.33 21.31 -13.65
CA LEU A 425 7.49 21.37 -14.54
C LEU A 425 8.09 20.00 -14.80
N GLY A 426 7.52 18.93 -14.23
CA GLY A 426 8.10 17.61 -14.42
C GLY A 426 9.25 17.36 -13.46
N PHE A 427 10.23 16.60 -13.92
CA PHE A 427 11.43 16.35 -13.13
C PHE A 427 12.40 17.51 -13.24
N GLY A 428 13.15 17.73 -12.18
CA GLY A 428 14.09 18.83 -12.09
C GLY A 428 15.53 18.42 -12.39
N ASP A 429 16.46 19.24 -11.90
CA ASP A 429 17.86 19.12 -12.30
C ASP A 429 18.72 18.27 -11.37
N GLN A 430 18.15 17.71 -10.30
CA GLN A 430 18.84 16.77 -9.43
C GLN A 430 18.11 15.44 -9.44
N ASP A 431 18.86 14.37 -9.21
CA ASP A 431 18.36 13.02 -9.44
C ASP A 431 17.15 12.69 -8.59
N THR A 432 16.24 11.95 -9.19
CA THR A 432 15.25 11.14 -8.50
C THR A 432 15.81 9.73 -8.49
N VAL A 433 16.06 9.18 -7.30
CA VAL A 433 16.83 7.95 -7.14
C VAL A 433 15.93 6.85 -6.58
N ILE A 434 15.91 5.71 -7.27
CA ILE A 434 15.40 4.46 -6.72
C ILE A 434 16.62 3.59 -6.44
N ASP A 435 16.87 3.28 -5.17
CA ASP A 435 18.09 2.58 -4.77
C ASP A 435 17.74 1.46 -3.82
N GLY A 436 17.80 0.22 -4.30
CA GLY A 436 17.50 -0.93 -3.46
C GLY A 436 16.02 -1.21 -3.45
N ALA A 437 15.56 -2.10 -4.31
CA ALA A 437 14.14 -2.41 -4.36
C ALA A 437 13.97 -3.84 -4.83
N THR A 438 13.01 -4.54 -4.22
CA THR A 438 12.58 -5.85 -4.69
C THR A 438 11.13 -5.73 -5.07
N LEU A 439 10.80 -6.13 -6.30
CA LEU A 439 9.44 -6.03 -6.82
C LEU A 439 9.01 -7.41 -7.28
N ASP A 440 8.02 -8.00 -6.59
CA ASP A 440 7.58 -9.36 -6.85
C ASP A 440 6.19 -9.34 -7.46
N ARG A 441 6.04 -9.92 -8.63
CA ARG A 441 4.72 -10.05 -9.28
C ARG A 441 4.03 -8.69 -9.41
N THR A 442 4.75 -7.71 -9.95
CA THR A 442 4.19 -6.38 -10.17
C THR A 442 3.95 -6.12 -11.65
N GLY A 443 3.15 -5.10 -11.92
CA GLY A 443 2.57 -4.85 -13.23
C GLY A 443 1.09 -5.20 -13.25
N GLY A 444 0.48 -5.03 -14.42
CA GLY A 444 -0.93 -5.31 -14.57
C GLY A 444 -1.50 -4.62 -15.79
N ASP A 445 -2.82 -4.71 -15.92
CA ASP A 445 -3.58 -4.17 -17.05
C ASP A 445 -4.35 -2.92 -16.65
N PHE A 446 -4.33 -1.91 -17.51
CA PHE A 446 -5.16 -0.73 -17.30
C PHE A 446 -5.27 0.02 -18.63
N TRP A 447 -6.21 0.96 -18.68
CA TRP A 447 -6.49 1.77 -19.88
C TRP A 447 -6.89 0.87 -21.04
N THR A 448 -6.89 1.42 -22.26
CA THR A 448 -7.23 0.64 -23.45
C THR A 448 -6.07 0.71 -24.43
N SER A 449 -6.04 -0.27 -25.34
CA SER A 449 -4.96 -0.40 -26.32
C SER A 449 -5.51 -0.49 -27.74
N VAL A 450 -6.50 0.35 -28.05
CA VAL A 450 -7.08 0.35 -29.40
C VAL A 450 -6.00 0.77 -30.40
N GLY A 451 -5.75 -0.08 -31.39
CA GLY A 451 -4.75 0.21 -32.41
C GLY A 451 -3.32 0.07 -31.96
N ALA A 452 -3.07 -0.62 -30.85
CA ALA A 452 -1.73 -0.75 -30.29
C ALA A 452 -0.89 -1.77 -31.05
N ASP A 453 0.42 -1.53 -31.02
CA ASP A 453 1.42 -2.52 -31.33
C ASP A 453 1.58 -3.49 -30.16
N ASP A 454 2.10 -4.68 -30.46
CA ASP A 454 2.42 -5.66 -29.42
C ASP A 454 1.19 -5.92 -28.56
N LYS A 455 0.08 -6.21 -29.22
CA LYS A 455 -1.23 -6.29 -28.57
C LYS A 455 -1.47 -7.69 -28.05
N ILE A 456 -1.77 -7.81 -26.76
CA ILE A 456 -2.08 -9.10 -26.17
C ILE A 456 -3.46 -9.15 -25.53
N ASN A 457 -4.10 -8.01 -25.29
CA ASN A 457 -5.47 -7.96 -24.79
C ASN A 457 -6.01 -6.54 -25.00
N GLU A 458 -7.18 -6.27 -24.43
CA GLU A 458 -7.86 -5.00 -24.64
CA GLU A 458 -7.90 -5.01 -24.60
C GLU A 458 -7.27 -3.86 -23.83
N TYR A 459 -6.26 -4.11 -23.03
CA TYR A 459 -5.69 -3.12 -22.12
C TYR A 459 -4.30 -2.69 -22.58
N GLN A 460 -3.83 -1.59 -22.00
CA GLN A 460 -2.40 -1.37 -21.95
C GLN A 460 -1.81 -2.25 -20.85
N ASN A 461 -0.53 -2.57 -20.99
CA ASN A 461 0.11 -3.60 -20.17
C ASN A 461 1.33 -2.99 -19.51
N PHE A 462 1.44 -3.13 -18.19
CA PHE A 462 2.42 -2.36 -17.43
C PHE A 462 3.50 -3.25 -16.84
N GLY A 463 4.75 -2.79 -16.96
CA GLY A 463 5.89 -3.48 -16.41
C GLY A 463 6.09 -3.19 -14.94
N ALA A 464 7.08 -3.88 -14.35
CA ALA A 464 7.37 -3.68 -12.94
C ALA A 464 7.76 -2.25 -12.64
N ILE A 465 8.60 -1.65 -13.48
CA ILE A 465 8.92 -0.22 -13.41
C ILE A 465 8.53 0.40 -14.73
N TRP A 466 7.73 1.46 -14.67
CA TRP A 466 7.29 2.20 -15.84
C TRP A 466 7.97 3.57 -15.83
N ILE A 467 8.78 3.84 -16.84
CA ILE A 467 9.43 5.13 -17.01
C ILE A 467 8.70 5.84 -18.14
N TYR A 468 7.86 6.82 -17.77
CA TYR A 468 6.90 7.43 -18.69
C TYR A 468 7.24 8.91 -18.84
N GLY A 469 7.71 9.29 -20.03
CA GLY A 469 7.80 10.70 -20.35
C GLY A 469 6.46 11.20 -20.82
N GLY A 470 5.88 12.16 -20.08
CA GLY A 470 4.56 12.65 -20.40
C GLY A 470 4.65 13.96 -21.15
N ASP A 471 4.01 15.00 -20.62
CA ASP A 471 4.04 16.31 -21.25
C ASP A 471 5.05 17.25 -20.63
N ARG A 472 5.79 16.81 -19.61
CA ARG A 472 6.78 17.65 -18.95
C ARG A 472 8.13 16.95 -18.95
N ALA A 473 9.16 17.68 -18.50
CA ALA A 473 10.53 17.18 -18.59
C ALA A 473 10.69 15.87 -17.83
N ILE A 474 11.39 14.94 -18.47
CA ILE A 474 11.69 13.62 -17.91
C ILE A 474 13.21 13.48 -17.92
N LYS A 475 13.83 13.64 -16.76
CA LYS A 475 15.29 13.74 -16.69
C LYS A 475 15.77 13.37 -15.30
N ASN A 476 17.04 12.94 -15.24
CA ASN A 476 17.75 12.73 -13.97
C ASN A 476 17.03 11.68 -13.12
N ILE A 477 17.01 10.46 -13.66
CA ILE A 477 16.39 9.30 -13.03
C ILE A 477 17.46 8.23 -12.88
N LEU A 478 17.71 7.79 -11.66
CA LEU A 478 18.69 6.75 -11.39
C LEU A 478 17.98 5.58 -10.73
N ILE A 479 18.02 4.41 -11.38
CA ILE A 479 17.39 3.20 -10.87
C ILE A 479 18.51 2.19 -10.63
N LYS A 480 18.73 1.81 -9.38
CA LYS A 480 19.85 0.92 -9.10
C LYS A 480 19.52 -0.06 -8.00
N ASN A 481 20.15 -1.23 -8.08
CA ASN A 481 20.08 -2.27 -7.05
C ASN A 481 18.64 -2.76 -6.88
N VAL A 482 18.08 -3.27 -7.97
CA VAL A 482 16.69 -3.68 -8.02
C VAL A 482 16.61 -5.13 -8.47
N ASP A 483 15.81 -5.92 -7.76
CA ASP A 483 15.49 -7.28 -8.18
C ASP A 483 14.02 -7.30 -8.53
N ILE A 484 13.71 -7.68 -9.77
CA ILE A 484 12.35 -7.76 -10.29
C ILE A 484 12.04 -9.22 -10.54
N ASN A 485 11.17 -9.80 -9.72
CA ASN A 485 10.89 -11.23 -9.75
C ASN A 485 9.49 -11.48 -10.30
N ASN A 486 9.41 -12.30 -11.35
CA ASN A 486 8.15 -12.73 -11.94
CA ASN A 486 8.15 -12.73 -11.92
C ASN A 486 7.17 -11.57 -12.15
N PRO A 487 7.61 -10.51 -12.84
CA PRO A 487 6.66 -9.43 -13.16
C PRO A 487 5.61 -9.96 -14.10
N VAL A 488 4.42 -9.36 -14.03
CA VAL A 488 3.29 -9.84 -14.83
C VAL A 488 3.66 -9.91 -16.30
N TYR A 489 4.37 -8.89 -16.79
CA TYR A 489 4.69 -8.77 -18.22
C TYR A 489 6.16 -8.46 -18.48
N PHE A 490 6.67 -7.38 -17.89
CA PHE A 490 7.98 -6.85 -18.22
C PHE A 490 8.69 -6.37 -16.96
N GLY A 491 10.01 -6.32 -17.02
CA GLY A 491 10.79 -5.72 -15.95
C GLY A 491 10.77 -4.21 -16.01
N LEU A 492 11.31 -3.64 -17.10
CA LEU A 492 11.39 -2.20 -17.30
C LEU A 492 10.63 -1.82 -18.57
N MET A 493 9.79 -0.80 -18.47
CA MET A 493 8.97 -0.37 -19.59
C MET A 493 9.16 1.14 -19.79
N PHE A 494 9.74 1.52 -20.93
CA PHE A 494 9.98 2.92 -21.27
C PHE A 494 8.98 3.39 -22.32
N GLN A 495 8.42 4.58 -22.14
CA GLN A 495 7.38 5.07 -23.03
C GLN A 495 7.39 6.59 -23.07
N SER A 496 7.20 7.16 -24.26
CA SER A 496 7.05 8.60 -24.46
C SER A 496 5.66 8.92 -24.97
N MET A 497 5.00 9.86 -24.31
CA MET A 497 3.73 10.39 -24.79
C MET A 497 3.95 11.16 -26.09
N SER A 498 3.12 10.83 -27.14
CA SER A 498 3.04 11.62 -28.36
C SER A 498 1.90 12.64 -28.23
N PRO A 499 2.02 13.81 -28.89
CA PRO A 499 3.15 14.23 -29.73
C PRO A 499 4.25 14.97 -28.98
N ASN A 500 4.13 15.09 -27.65
CA ASN A 500 5.06 15.90 -26.88
C ASN A 500 6.50 15.43 -27.05
N ASN A 501 6.71 14.11 -27.08
CA ASN A 501 8.02 13.50 -27.37
C ASN A 501 9.14 14.15 -26.57
N MET A 502 8.92 14.27 -25.26
CA MET A 502 9.94 14.81 -24.39
C MET A 502 11.17 13.91 -24.39
N VAL A 503 12.35 14.51 -24.54
CA VAL A 503 13.58 13.73 -24.68
C VAL A 503 14.02 13.30 -23.28
N MET A 504 14.00 11.98 -23.03
CA MET A 504 14.48 11.45 -21.76
C MET A 504 15.99 11.65 -21.66
N GLN A 505 16.44 12.31 -20.59
CA GLN A 505 17.87 12.57 -20.41
C GLN A 505 18.33 12.11 -19.03
N ASN A 506 19.58 11.63 -18.97
CA ASN A 506 20.19 11.15 -17.73
C ASN A 506 19.31 10.11 -17.03
N ILE A 507 18.91 9.11 -17.79
CA ILE A 507 18.17 7.94 -17.28
C ILE A 507 19.16 6.78 -17.20
N ARG A 508 19.44 6.29 -15.99
CA ARG A 508 20.46 5.26 -15.82
C ARG A 508 19.92 4.13 -14.96
N VAL A 509 20.22 2.90 -15.36
CA VAL A 509 19.78 1.68 -14.71
C VAL A 509 21.03 0.86 -14.37
N GLU A 510 21.20 0.50 -13.10
CA GLU A 510 22.43 -0.15 -12.64
C GLU A 510 22.10 -1.29 -11.67
N ASN A 511 22.76 -2.44 -11.85
CA ASN A 511 22.62 -3.57 -10.93
C ASN A 511 21.15 -3.98 -10.77
N VAL A 512 20.58 -4.49 -11.86
CA VAL A 512 19.19 -4.89 -11.86
C VAL A 512 19.09 -6.32 -12.38
N ASN A 513 18.33 -7.15 -11.67
CA ASN A 513 18.01 -8.49 -12.13
C ASN A 513 16.53 -8.56 -12.47
N ILE A 514 16.22 -9.04 -13.66
CA ILE A 514 14.83 -9.20 -14.11
C ILE A 514 14.59 -10.68 -14.36
N ASN A 515 13.82 -11.33 -13.50
CA ASN A 515 13.73 -12.78 -13.47
C ASN A 515 12.34 -13.25 -13.93
N ASN A 516 12.33 -14.10 -14.95
CA ASN A 516 11.11 -14.72 -15.46
C ASN A 516 9.97 -13.76 -15.82
N PRO A 517 10.26 -12.69 -16.57
CA PRO A 517 9.15 -11.88 -17.08
C PRO A 517 8.39 -12.65 -18.15
N SER A 518 7.06 -12.57 -18.11
CA SER A 518 6.27 -13.40 -19.01
C SER A 518 6.46 -12.99 -20.47
N ARG A 519 6.78 -11.73 -20.73
CA ARG A 519 6.98 -11.29 -22.10
C ARG A 519 8.43 -10.89 -22.34
N TYR A 520 8.86 -9.72 -21.83
CA TYR A 520 10.19 -9.20 -22.11
C TYR A 520 10.84 -8.70 -20.84
N GLY A 521 12.18 -8.74 -20.81
CA GLY A 521 12.88 -8.07 -19.73
C GLY A 521 12.69 -6.57 -19.78
N ILE A 522 12.88 -5.99 -20.97
CA ILE A 522 12.77 -4.56 -21.20
C ILE A 522 11.84 -4.35 -22.38
N LYS A 523 10.86 -3.47 -22.23
CA LYS A 523 10.01 -3.08 -23.34
C LYS A 523 10.17 -1.59 -23.60
N LEU A 524 10.56 -1.24 -24.82
CA LEU A 524 10.43 0.12 -25.31
C LEU A 524 9.11 0.18 -26.06
N VAL A 525 8.14 0.90 -25.49
CA VAL A 525 6.80 0.93 -26.05
C VAL A 525 6.85 1.64 -27.41
N VAL A 526 6.37 0.95 -28.45
CA VAL A 526 6.41 1.45 -29.82
C VAL A 526 5.13 2.18 -30.18
N ARG A 527 3.97 1.63 -29.79
CA ARG A 527 2.68 2.25 -30.09
C ARG A 527 1.71 1.74 -29.02
N ALA A 528 1.53 2.53 -27.98
CA ALA A 528 0.68 2.12 -26.86
C ALA A 528 -0.77 1.99 -27.27
N GLU A 529 -1.20 2.78 -28.24
CA GLU A 529 -2.57 2.86 -28.72
C GLU A 529 -2.52 3.75 -29.95
N GLN A 530 -3.66 3.87 -30.63
CA GLN A 530 -3.75 4.73 -31.81
C GLN A 530 -3.26 6.14 -31.50
N GLY A 531 -2.40 6.66 -32.38
CA GLY A 531 -1.91 8.01 -32.25
C GLY A 531 -0.61 8.15 -31.49
N GLN A 532 -0.12 7.07 -30.90
CA GLN A 532 1.08 7.10 -30.08
C GLN A 532 2.25 6.45 -30.79
N GLY A 533 3.46 6.88 -30.45
CA GLY A 533 4.66 6.40 -31.07
C GLY A 533 5.74 6.04 -30.06
N PRO A 534 6.97 5.83 -30.54
CA PRO A 534 8.02 5.27 -29.69
C PRO A 534 8.71 6.31 -28.82
N ALA A 535 9.68 5.85 -28.05
CA ALA A 535 10.28 6.67 -27.01
C ALA A 535 11.39 7.54 -27.55
N TYR A 536 11.63 8.65 -26.86
CA TYR A 536 12.61 9.64 -27.28
C TYR A 536 13.65 9.82 -26.20
N GLY A 537 14.91 9.80 -26.60
CA GLY A 537 16.01 10.03 -25.68
C GLY A 537 16.87 8.79 -25.56
N GLY A 538 17.01 8.28 -24.35
CA GLY A 538 17.76 7.05 -24.17
C GLY A 538 17.92 6.72 -22.71
N ALA A 539 18.57 5.60 -22.46
CA ALA A 539 18.88 5.17 -21.10
C ALA A 539 20.12 4.30 -21.14
N SER A 540 20.90 4.35 -20.07
CA SER A 540 22.08 3.51 -19.96
C SER A 540 21.81 2.35 -19.01
N PHE A 541 22.47 1.22 -19.29
CA PHE A 541 22.27 -0.01 -18.54
C PHE A 541 23.63 -0.58 -18.15
N THR A 542 23.83 -0.78 -16.86
CA THR A 542 25.05 -1.36 -16.31
C THR A 542 24.65 -2.53 -15.43
N ASN A 543 25.16 -3.73 -15.75
CA ASN A 543 24.91 -4.91 -14.93
C ASN A 543 23.41 -5.17 -14.78
N VAL A 544 22.70 -5.13 -15.90
CA VAL A 544 21.28 -5.45 -15.95
C VAL A 544 21.15 -6.83 -16.57
N LYS A 545 20.67 -7.80 -15.79
CA LYS A 545 20.52 -9.18 -16.23
C LYS A 545 19.05 -9.48 -16.48
N VAL A 546 18.75 -10.07 -17.63
CA VAL A 546 17.41 -10.55 -17.95
C VAL A 546 17.49 -12.07 -18.01
N ASN A 547 16.73 -12.74 -17.15
CA ASN A 547 16.81 -14.19 -16.99
C ASN A 547 15.49 -14.83 -17.34
N ASN A 548 15.51 -15.75 -18.30
CA ASN A 548 14.35 -16.55 -18.68
C ASN A 548 13.12 -15.72 -19.08
N PRO A 549 13.26 -14.77 -20.02
CA PRO A 549 12.07 -14.07 -20.50
C PRO A 549 11.22 -14.99 -21.34
N GLY A 550 9.90 -14.77 -21.27
CA GLY A 550 8.97 -15.62 -22.01
C GLY A 550 9.18 -15.55 -23.51
N ILE A 551 9.44 -14.35 -24.03
CA ILE A 551 9.60 -14.14 -25.47
C ILE A 551 11.03 -13.74 -25.81
N SER A 552 11.47 -12.58 -25.34
CA SER A 552 12.82 -12.12 -25.64
C SER A 552 13.24 -11.13 -24.56
N ALA A 553 14.54 -10.87 -24.50
CA ALA A 553 15.08 -10.02 -23.44
C ALA A 553 14.61 -8.58 -23.59
N ILE A 554 14.63 -8.02 -24.79
CA ILE A 554 14.22 -6.64 -25.02
C ILE A 554 13.36 -6.56 -26.28
N TYR A 555 12.27 -5.81 -26.17
CA TYR A 555 11.38 -5.53 -27.30
C TYR A 555 11.41 -4.04 -27.60
N GLY A 556 11.39 -3.71 -28.90
CA GLY A 556 11.16 -2.36 -29.37
C GLY A 556 12.39 -1.59 -29.78
N GLU A 557 13.59 -2.15 -29.61
CA GLU A 557 14.80 -1.37 -29.83
C GLU A 557 14.94 -0.95 -31.29
N ALA A 558 14.74 -1.88 -32.23
CA ALA A 558 14.89 -1.53 -33.64
C ALA A 558 13.81 -0.56 -34.08
N GLN A 559 12.62 -0.65 -33.49
CA GLN A 559 11.49 0.20 -33.85
C GLN A 559 11.49 1.54 -33.14
N SER A 560 12.52 1.85 -32.36
CA SER A 560 12.60 3.09 -31.59
C SER A 560 13.87 3.83 -31.98
N PRO A 561 13.91 4.39 -33.19
CA PRO A 561 15.18 4.93 -33.70
C PRO A 561 15.63 6.20 -33.00
N ASN A 562 14.75 6.84 -32.23
CA ASN A 562 15.11 8.05 -31.51
C ASN A 562 15.32 7.79 -30.03
N PHE A 563 15.43 6.52 -29.65
CA PHE A 563 15.76 6.12 -28.28
C PHE A 563 17.04 5.29 -28.33
N THR A 564 18.05 5.72 -27.59
CA THR A 564 19.33 5.02 -27.59
C THR A 564 19.48 4.18 -26.33
N VAL A 565 19.52 2.87 -26.50
CA VAL A 565 19.89 1.97 -25.43
C VAL A 565 21.41 1.90 -25.38
N THR A 566 21.99 2.29 -24.25
CA THR A 566 23.44 2.22 -24.06
C THR A 566 23.76 1.07 -23.13
N ARG A 567 24.43 0.03 -23.65
CA ARG A 567 24.86 -1.10 -22.84
C ARG A 567 26.26 -0.79 -22.34
N VAL A 568 26.37 -0.31 -21.11
CA VAL A 568 27.67 0.10 -20.58
C VAL A 568 28.56 -1.11 -20.36
N SER A 569 28.09 -2.07 -19.57
CA SER A 569 28.82 -3.28 -19.23
C SER A 569 27.86 -4.20 -18.50
N GLY A 570 28.18 -5.49 -18.51
CA GLY A 570 27.53 -6.44 -17.63
C GLY A 570 26.11 -6.82 -17.98
N ASN A 571 25.65 -6.54 -19.21
CA ASN A 571 24.31 -6.88 -19.64
C ASN A 571 24.33 -8.17 -20.44
N ASN A 572 23.37 -9.06 -20.19
CA ASN A 572 23.29 -10.30 -20.97
C ASN A 572 22.22 -10.23 -22.05
N TRP A 573 22.09 -9.07 -22.69
CA TRP A 573 21.08 -8.85 -23.72
C TRP A 573 21.52 -7.68 -24.61
S SO4 B . 12.43 -4.72 -32.16
O1 SO4 B . 11.79 -3.42 -32.29
O2 SO4 B . 12.25 -5.42 -33.46
O3 SO4 B . 13.84 -4.66 -31.84
O4 SO4 B . 11.75 -5.50 -31.11
S SO4 C . -9.51 27.55 24.00
O1 SO4 C . -10.51 28.46 23.43
O2 SO4 C . -8.54 27.19 22.95
O3 SO4 C . -8.79 28.26 25.05
O4 SO4 C . -10.20 26.39 24.53
S SO4 D . -4.58 27.30 9.43
O1 SO4 D . -5.99 27.12 9.11
O2 SO4 D . -3.92 25.99 9.45
O3 SO4 D . -3.96 28.14 8.40
O4 SO4 D . -4.46 27.97 10.72
S SO4 E . 12.28 21.34 -20.98
O1 SO4 E . 10.84 21.16 -20.78
O2 SO4 E . 12.80 20.28 -21.83
O3 SO4 E . 12.51 22.64 -21.62
O4 SO4 E . 12.95 21.29 -19.69
S SO4 F . 25.68 7.56 -12.14
O1 SO4 F . 24.86 7.36 -13.34
O2 SO4 F . 27.02 7.96 -12.56
O3 SO4 F . 25.12 8.62 -11.29
O4 SO4 F . 25.76 6.33 -11.36
S SO4 G . 5.80 9.77 -32.78
O1 SO4 G . 4.33 9.70 -32.76
O2 SO4 G . 6.30 8.88 -33.83
O3 SO4 G . 6.18 11.15 -33.09
O4 SO4 G . 6.34 9.36 -31.50
CA CA H . -1.17 -16.15 -0.12
C1 GOL I . -16.59 -12.99 -6.47
O1 GOL I . -17.98 -12.82 -6.39
C2 GOL I . -16.31 -13.98 -7.64
O2 GOL I . -16.73 -13.46 -8.85
C3 GOL I . -14.78 -14.22 -7.61
O3 GOL I . -14.55 -15.40 -8.36
C1 GOL J . 15.43 21.70 -9.26
O1 GOL J . 15.77 21.67 -10.62
C2 GOL J . 16.73 21.71 -8.41
O2 GOL J . 16.78 20.63 -7.48
C3 GOL J . 16.69 23.08 -7.70
O3 GOL J . 16.41 24.03 -8.69
C1 GOL K . -14.00 12.10 18.42
O1 GOL K . -14.66 12.54 17.31
C2 GOL K . -14.76 12.63 19.58
O2 GOL K . -16.13 12.74 19.33
C3 GOL K . -14.09 13.96 19.85
O3 GOL K . -14.18 14.11 21.20
C1 GOL L . 11.03 17.74 12.17
O1 GOL L . 10.82 18.90 12.89
C2 GOL L . 10.65 16.55 13.10
O2 GOL L . 10.46 16.96 14.40
C3 GOL L . 9.39 15.94 12.47
O3 GOL L . 9.71 15.73 11.13
C1 GOL M . -7.89 10.91 -2.75
O1 GOL M . -9.22 10.49 -2.64
C2 GOL M . -7.83 11.90 -3.96
O2 GOL M . -8.38 11.36 -5.11
C3 GOL M . -8.58 13.17 -3.47
O3 GOL M . -7.75 13.83 -2.58
C1 GOL N . -0.29 5.96 -20.92
O1 GOL N . -0.32 5.25 -22.13
C2 GOL N . -1.77 6.27 -20.57
O2 GOL N . -2.28 7.26 -21.38
C3 GOL N . -1.74 6.69 -19.08
O3 GOL N . -1.55 8.07 -19.01
C1 GOL O . -16.46 -19.09 -3.59
O1 GOL O . -15.50 -19.02 -4.60
C2 GOL O . -16.97 -20.54 -3.56
O2 GOL O . -18.19 -20.68 -2.88
C3 GOL O . -17.05 -20.96 -5.03
O3 GOL O . -18.00 -20.12 -5.62
C1 GOL P . -9.14 0.68 -17.25
O1 GOL P . -8.73 1.97 -17.55
C2 GOL P . -10.51 0.51 -17.93
O2 GOL P . -11.10 -0.68 -17.59
C3 GOL P . -10.23 0.62 -19.46
O3 GOL P . -10.11 -0.68 -20.00
#